data_5FF0
#
_entry.id   5FF0
#
_cell.length_a   50.890
_cell.length_b   79.340
_cell.length_c   86.200
_cell.angle_alpha   90.00
_cell.angle_beta   90.00
_cell.angle_gamma   90.00
#
_symmetry.space_group_name_H-M   'P 21 21 21'
#
loop_
_entity.id
_entity.type
_entity.pdbx_description
1 polymer '[FeFe] hydrogenase maturase subunit HydE'
2 non-polymer 'Fe4-Se4 cluster'
3 non-polymer 3-[(3-CHOLAMIDOPROPYL)DIMETHYLAMMONIO]-1-PROPANESULFONATE
4 non-polymer 'CHLORIDE ION'
5 non-polymer METHIONINE
6 non-polymer S-adenosyl-L-cysteine
7 water water
#
_entity_poly.entity_id   1
_entity_poly.type   'polypeptide(L)'
_entity_poly.pdbx_seq_one_letter_code
;MWSHPQFEKASTGREILEKLERREFTREVLKEALSINDRGFNEALFKLADEIRRKYVGDEVHIRAIIEFSNVCRKNCLYC
GLRRDNKNLKRYRMTPEEIVERARLAVQFGAKTIVLQSGEDPYYMPDVISDIVKEIKKMGVAVTLSLGEWPREYYEKWKE
AGADRYLLRHETANPVLHRKLRPDTSFENRLNCLLTLKELGYETGAGSMVGLPGQTIDDLVDDLLFLKEHDFDMVGIGPF
IPHPDTPLANEKKGDFTLTLKMVALTRILLPDSNIPATTAMGTIVPGGREITLRCGANVIMPNWTPSPYRQLYQLYPGKI
SVFEKDTASIPSVMKMIELLGRKPGRDWGGRKRVFETV
;
_entity_poly.pdbx_strand_id   A
#
# COMPACT_ATOMS: atom_id res chain seq x y z
N THR A 12 -29.28 7.63 -12.48
CA THR A 12 -28.81 8.89 -11.87
C THR A 12 -27.68 8.78 -10.74
N GLY A 13 -26.79 9.72 -10.88
CA GLY A 13 -25.71 9.81 -9.90
C GLY A 13 -26.24 10.07 -8.55
N ARG A 14 -27.28 10.91 -8.50
CA ARG A 14 -27.84 11.23 -7.24
C ARG A 14 -28.34 9.98 -6.57
N GLU A 15 -28.96 9.07 -7.32
CA GLU A 15 -29.47 7.86 -6.71
C GLU A 15 -28.37 6.96 -6.21
N ILE A 16 -27.28 6.90 -6.94
CA ILE A 16 -26.14 6.08 -6.52
C ILE A 16 -25.52 6.62 -5.24
N LEU A 17 -25.37 7.93 -5.13
CA LEU A 17 -24.83 8.58 -3.96
C LEU A 17 -25.74 8.30 -2.80
N GLU A 18 -27.07 8.37 -3.00
CA GLU A 18 -27.98 8.10 -1.91
C GLU A 18 -27.82 6.70 -1.43
N LYS A 19 -27.66 5.77 -2.36
CA LYS A 19 -27.49 4.38 -1.97
C LYS A 19 -26.17 4.16 -1.17
N LEU A 20 -25.09 4.80 -1.56
CA LEU A 20 -23.80 4.69 -0.81
C LEU A 20 -23.94 5.28 0.59
N GLU A 21 -24.62 6.42 0.65
CA GLU A 21 -24.87 7.08 1.92
C GLU A 21 -25.65 6.21 2.91
N ARG A 22 -26.61 5.42 2.44
CA ARG A 22 -27.40 4.49 3.28
C ARG A 22 -26.73 3.14 3.44
N ARG A 23 -25.49 2.99 2.97
CA ARG A 23 -24.77 1.73 3.07
C ARG A 23 -25.41 0.52 2.31
N GLU A 24 -26.02 0.80 1.18
CA GLU A 24 -26.52 -0.22 0.21
C GLU A 24 -25.47 -0.64 -0.83
N PHE A 25 -24.57 -1.47 -0.36
CA PHE A 25 -23.37 -1.81 -1.12
C PHE A 25 -23.50 -3.05 -1.96
N THR A 26 -24.31 -2.95 -2.98
CA THR A 26 -24.52 -4.02 -3.86
C THR A 26 -23.53 -3.97 -4.96
N ARG A 27 -23.30 -5.09 -5.63
CA ARG A 27 -22.54 -5.08 -6.81
C ARG A 27 -23.00 -4.00 -7.81
N GLU A 28 -24.29 -3.93 -8.05
CA GLU A 28 -24.81 -3.04 -9.02
C GLU A 28 -24.52 -1.59 -8.69
N VAL A 29 -24.63 -1.23 -7.45
CA VAL A 29 -24.33 0.18 -6.99
C VAL A 29 -22.85 0.56 -7.22
N LEU A 30 -21.99 -0.42 -6.85
CA LEU A 30 -20.53 -0.20 -7.07
C LEU A 30 -20.13 -0.11 -8.51
N LYS A 31 -20.75 -0.99 -9.34
CA LYS A 31 -20.47 -0.96 -10.77
C LYS A 31 -20.90 0.38 -11.35
N GLU A 32 -22.09 0.86 -10.97
N GLU A 32 -22.11 0.81 -10.94
CA GLU A 32 -22.57 2.12 -11.53
CA GLU A 32 -22.65 2.07 -11.42
C GLU A 32 -21.68 3.28 -11.06
C GLU A 32 -21.75 3.24 -11.01
N ALA A 33 -21.28 3.27 -9.77
CA ALA A 33 -20.37 4.31 -9.32
C ALA A 33 -19.07 4.38 -10.11
N LEU A 34 -18.51 3.21 -10.44
CA LEU A 34 -17.30 3.17 -11.24
C LEU A 34 -17.47 3.47 -12.71
N SER A 35 -18.70 3.28 -13.20
CA SER A 35 -19.06 3.46 -14.62
C SER A 35 -19.45 4.92 -14.99
N ILE A 36 -20.04 5.63 -14.07
CA ILE A 36 -20.50 7.02 -14.29
C ILE A 36 -19.31 7.94 -14.40
N ASN A 37 -19.13 8.72 -15.46
CA ASN A 37 -17.97 9.59 -15.64
C ASN A 37 -18.27 11.06 -15.46
N ASP A 38 -19.45 11.38 -15.04
CA ASP A 38 -19.85 12.75 -14.88
C ASP A 38 -19.04 13.45 -13.78
N ARG A 39 -18.57 14.65 -14.06
CA ARG A 39 -17.75 15.38 -13.13
C ARG A 39 -18.47 15.67 -11.83
N GLY A 40 -19.72 16.07 -11.90
CA GLY A 40 -20.46 16.39 -10.71
C GLY A 40 -20.61 15.16 -9.80
N PHE A 41 -20.93 14.02 -10.37
CA PHE A 41 -20.98 12.78 -9.64
C PHE A 41 -19.63 12.46 -8.99
N ASN A 42 -18.58 12.51 -9.76
CA ASN A 42 -17.27 12.19 -9.19
C ASN A 42 -16.92 13.09 -8.06
N GLU A 43 -17.14 14.37 -8.17
CA GLU A 43 -16.81 15.29 -7.11
C GLU A 43 -17.62 15.03 -5.87
N ALA A 44 -18.89 14.70 -6.01
CA ALA A 44 -19.72 14.34 -4.88
C ALA A 44 -19.27 13.07 -4.21
N LEU A 45 -18.85 12.10 -5.01
CA LEU A 45 -18.31 10.85 -4.47
C LEU A 45 -17.04 11.15 -3.62
N PHE A 46 -16.16 11.98 -4.18
CA PHE A 46 -14.93 12.34 -3.45
C PHE A 46 -15.26 13.07 -2.15
N LYS A 47 -16.20 13.98 -2.19
N LYS A 47 -16.20 13.99 -2.19
CA LYS A 47 -16.60 14.71 -1.01
CA LYS A 47 -16.64 14.72 -0.99
C LYS A 47 -17.19 13.76 0.04
C LYS A 47 -17.21 13.76 0.07
N LEU A 48 -17.98 12.78 -0.37
CA LEU A 48 -18.56 11.81 0.52
C LEU A 48 -17.43 11.05 1.21
N ALA A 49 -16.48 10.54 0.42
CA ALA A 49 -15.37 9.80 1.02
C ALA A 49 -14.54 10.65 1.97
N ASP A 50 -14.29 11.89 1.60
CA ASP A 50 -13.53 12.82 2.46
C ASP A 50 -14.25 13.01 3.79
N GLU A 51 -15.57 13.12 3.74
CA GLU A 51 -16.33 13.34 4.94
C GLU A 51 -16.36 12.09 5.80
N ILE A 52 -16.54 10.97 5.17
CA ILE A 52 -16.51 9.75 5.93
C ILE A 52 -15.16 9.56 6.62
N ARG A 53 -14.07 9.83 5.87
CA ARG A 53 -12.73 9.79 6.46
C ARG A 53 -12.68 10.71 7.71
N ARG A 54 -13.06 11.98 7.53
CA ARG A 54 -12.97 12.87 8.63
C ARG A 54 -13.79 12.35 9.84
N LYS A 55 -14.99 11.89 9.60
CA LYS A 55 -15.85 11.48 10.71
C LYS A 55 -15.32 10.26 11.45
N TYR A 56 -14.78 9.26 10.71
CA TYR A 56 -14.37 8.05 11.30
C TYR A 56 -12.97 7.99 11.77
N VAL A 57 -12.02 8.55 11.02
CA VAL A 57 -10.59 8.46 11.34
C VAL A 57 -9.97 9.83 11.62
N GLY A 58 -10.72 10.91 11.55
CA GLY A 58 -10.23 12.21 11.91
C GLY A 58 -9.23 12.78 10.97
N ASP A 59 -8.57 13.83 11.45
CA ASP A 59 -7.64 14.66 10.66
C ASP A 59 -6.22 14.19 10.78
N GLU A 60 -5.89 13.25 11.62
CA GLU A 60 -4.50 12.77 11.69
CA GLU A 60 -4.53 12.71 11.70
C GLU A 60 -4.16 12.00 10.43
N VAL A 61 -2.98 12.33 9.90
CA VAL A 61 -2.41 11.54 8.80
C VAL A 61 -1.22 10.80 9.33
N HIS A 62 -1.29 9.48 9.29
CA HIS A 62 -0.26 8.63 9.89
C HIS A 62 0.89 8.45 8.93
N ILE A 63 2.09 8.63 9.45
CA ILE A 63 3.33 8.54 8.67
C ILE A 63 3.96 7.20 8.88
N ARG A 64 4.16 6.46 7.79
CA ARG A 64 4.86 5.14 7.84
C ARG A 64 6.14 5.29 7.05
N ALA A 65 7.28 5.23 7.68
CA ALA A 65 8.55 5.39 6.96
C ALA A 65 8.97 4.06 6.36
N ILE A 66 9.11 4.04 5.05
N ILE A 66 9.12 4.01 5.04
CA ILE A 66 9.43 2.78 4.36
CA ILE A 66 9.45 2.79 4.35
C ILE A 66 10.90 2.65 4.00
C ILE A 66 10.93 2.68 4.05
N ILE A 67 11.48 1.54 4.38
CA ILE A 67 12.88 1.19 4.04
C ILE A 67 12.79 -0.02 3.12
N GLU A 68 13.20 0.19 1.86
CA GLU A 68 13.18 -0.85 0.81
C GLU A 68 14.59 -1.43 0.84
N PHE A 69 14.74 -2.51 1.60
CA PHE A 69 16.05 -2.91 2.04
C PHE A 69 16.76 -3.89 1.11
N SER A 70 16.06 -4.46 0.15
CA SER A 70 16.64 -5.36 -0.85
C SER A 70 15.76 -5.33 -2.07
N ASN A 71 16.38 -5.25 -3.26
CA ASN A 71 15.63 -5.37 -4.51
C ASN A 71 15.81 -6.71 -5.20
N VAL A 72 16.33 -7.69 -4.45
CA VAL A 72 16.43 -9.09 -4.94
C VAL A 72 15.06 -9.71 -4.89
N CYS A 73 14.61 -10.37 -5.96
CA CYS A 73 13.37 -11.11 -5.94
C CYS A 73 13.44 -12.41 -6.71
N ARG A 74 12.86 -13.43 -6.11
CA ARG A 74 12.74 -14.77 -6.73
C ARG A 74 11.55 -14.88 -7.65
N LYS A 75 10.59 -14.00 -7.63
CA LYS A 75 9.37 -14.05 -8.44
C LYS A 75 9.54 -13.24 -9.71
N ASN A 76 8.55 -13.37 -10.61
CA ASN A 76 8.66 -12.87 -11.97
C ASN A 76 7.39 -12.16 -12.40
N CYS A 77 6.74 -11.47 -11.47
CA CYS A 77 5.48 -10.78 -11.79
C CYS A 77 5.66 -9.91 -13.03
N LEU A 78 4.71 -10.02 -13.96
CA LEU A 78 4.90 -9.40 -15.28
C LEU A 78 4.94 -7.92 -15.26
N TYR A 79 4.33 -7.33 -14.21
CA TYR A 79 4.21 -5.84 -14.12
C TYR A 79 5.42 -5.19 -13.44
N CYS A 80 6.18 -5.95 -12.66
CA CYS A 80 7.15 -5.37 -11.74
C CYS A 80 8.57 -5.19 -12.24
N GLY A 81 9.21 -4.04 -12.04
CA GLY A 81 10.57 -3.83 -12.39
C GLY A 81 11.61 -4.62 -11.67
N LEU A 82 11.26 -5.23 -10.53
CA LEU A 82 12.17 -6.08 -9.80
C LEU A 82 12.08 -7.57 -10.18
N ARG A 83 11.23 -7.89 -11.14
CA ARG A 83 11.08 -9.29 -11.53
C ARG A 83 12.39 -9.93 -11.83
N ARG A 84 12.49 -11.24 -11.52
CA ARG A 84 13.79 -11.93 -11.64
C ARG A 84 14.38 -11.90 -13.04
N ASP A 85 13.54 -11.90 -14.05
CA ASP A 85 14.06 -11.87 -15.43
C ASP A 85 14.62 -10.55 -15.84
N ASN A 86 14.49 -9.49 -15.02
CA ASN A 86 15.10 -8.21 -15.38
C ASN A 86 16.55 -8.18 -15.06
N LYS A 87 17.38 -8.38 -16.10
CA LYS A 87 18.86 -8.24 -15.95
C LYS A 87 19.36 -6.82 -16.04
N ASN A 88 18.50 -5.85 -16.36
CA ASN A 88 18.98 -4.45 -16.52
CA ASN A 88 18.92 -4.44 -16.53
C ASN A 88 18.76 -3.69 -15.24
N LEU A 89 19.13 -4.38 -14.17
CA LEU A 89 18.99 -3.84 -12.82
C LEU A 89 20.15 -4.27 -11.95
N LYS A 90 20.83 -3.33 -11.35
CA LYS A 90 21.80 -3.59 -10.31
C LYS A 90 21.02 -4.01 -9.04
N ARG A 91 21.34 -5.19 -8.52
CA ARG A 91 20.71 -5.69 -7.33
C ARG A 91 21.51 -5.25 -6.09
N TYR A 92 20.81 -5.01 -4.97
CA TYR A 92 21.44 -4.61 -3.73
C TYR A 92 20.74 -5.29 -2.56
N ARG A 93 21.50 -5.39 -1.47
CA ARG A 93 21.03 -5.80 -0.18
C ARG A 93 21.62 -4.92 0.90
N MET A 94 20.81 -4.28 1.76
CA MET A 94 21.30 -3.60 2.90
C MET A 94 21.67 -4.59 3.98
N THR A 95 22.71 -4.30 4.77
CA THR A 95 23.07 -5.17 5.88
C THR A 95 22.07 -4.96 7.02
N PRO A 96 21.95 -5.93 7.91
CA PRO A 96 21.05 -5.78 9.05
C PRO A 96 21.39 -4.56 9.87
N GLU A 97 22.66 -4.27 10.09
CA GLU A 97 23.05 -3.05 10.79
C GLU A 97 22.61 -1.81 10.06
N GLU A 98 22.79 -1.73 8.77
CA GLU A 98 22.33 -0.61 8.01
C GLU A 98 20.84 -0.40 8.18
N ILE A 99 20.09 -1.49 8.11
CA ILE A 99 18.61 -1.40 8.21
C ILE A 99 18.21 -0.88 9.56
N VAL A 100 18.76 -1.46 10.62
CA VAL A 100 18.41 -1.01 11.98
C VAL A 100 18.81 0.42 12.19
N GLU A 101 19.98 0.85 11.76
CA GLU A 101 20.35 2.21 11.99
C GLU A 101 19.56 3.19 11.17
N ARG A 102 19.16 2.78 9.95
CA ARG A 102 18.31 3.64 9.11
C ARG A 102 16.91 3.76 9.75
N ALA A 103 16.41 2.68 10.31
CA ALA A 103 15.15 2.75 11.06
C ALA A 103 15.30 3.70 12.25
N ARG A 104 16.43 3.63 12.95
CA ARG A 104 16.65 4.51 14.08
C ARG A 104 16.58 5.96 13.67
N LEU A 105 17.21 6.25 12.54
CA LEU A 105 17.15 7.60 12.05
C LEU A 105 15.74 8.08 11.76
N ALA A 106 14.91 7.18 11.17
CA ALA A 106 13.52 7.53 10.96
C ALA A 106 12.79 7.77 12.26
N VAL A 107 13.02 6.98 13.30
CA VAL A 107 12.41 7.20 14.59
C VAL A 107 12.89 8.55 15.16
N GLN A 108 14.18 8.85 14.98
CA GLN A 108 14.69 10.16 15.42
C GLN A 108 13.98 11.31 14.71
N PHE A 109 13.57 11.09 13.47
CA PHE A 109 12.84 12.08 12.67
C PHE A 109 11.35 12.08 12.95
N GLY A 110 10.89 11.26 13.86
CA GLY A 110 9.45 11.28 14.28
C GLY A 110 8.60 10.18 13.69
N ALA A 111 9.13 9.24 12.90
CA ALA A 111 8.29 8.14 12.42
C ALA A 111 7.89 7.25 13.59
N LYS A 112 6.53 6.94 13.57
CA LYS A 112 6.02 6.05 14.62
CA LYS A 112 5.89 6.12 14.56
C LYS A 112 5.67 4.63 14.14
N THR A 113 5.81 4.43 12.78
CA THR A 113 5.80 3.10 12.17
C THR A 113 6.99 3.03 11.22
N ILE A 114 7.70 1.93 11.25
CA ILE A 114 8.71 1.57 10.27
C ILE A 114 8.16 0.44 9.41
N VAL A 115 8.18 0.62 8.10
CA VAL A 115 7.83 -0.40 7.13
C VAL A 115 9.08 -0.95 6.50
N LEU A 116 9.27 -2.26 6.61
CA LEU A 116 10.37 -2.96 5.93
C LEU A 116 9.81 -3.65 4.71
N GLN A 117 10.26 -3.28 3.52
N GLN A 117 10.24 -3.23 3.45
CA GLN A 117 9.77 -3.84 2.28
CA GLN A 117 9.75 -3.80 2.20
C GLN A 117 10.95 -4.36 1.48
C GLN A 117 10.94 -4.30 1.40
N SER A 118 10.72 -5.43 0.74
CA SER A 118 11.74 -5.95 -0.14
C SER A 118 11.09 -6.74 -1.24
N GLY A 119 11.91 -7.07 -2.25
CA GLY A 119 11.61 -8.21 -3.10
C GLY A 119 11.52 -9.48 -2.26
N GLU A 120 11.01 -10.55 -2.82
CA GLU A 120 11.06 -11.84 -2.15
C GLU A 120 12.48 -12.38 -2.19
N ASP A 121 13.31 -11.93 -1.27
CA ASP A 121 14.75 -12.20 -1.25
C ASP A 121 15.03 -13.24 -0.21
N PRO A 122 15.34 -14.49 -0.64
CA PRO A 122 15.56 -15.57 0.34
C PRO A 122 16.62 -15.28 1.39
N TYR A 123 17.54 -14.42 1.14
N TYR A 123 17.51 -14.38 1.06
CA TYR A 123 18.71 -14.32 2.00
CA TYR A 123 18.68 -14.27 1.90
C TYR A 123 18.34 -14.04 3.42
C TYR A 123 18.32 -13.99 3.34
N TYR A 124 17.34 -13.20 3.65
N TYR A 124 17.35 -13.16 3.65
CA TYR A 124 16.98 -12.72 4.98
CA TYR A 124 17.11 -12.77 5.05
C TYR A 124 16.07 -13.64 5.73
C TYR A 124 16.02 -13.61 5.72
N MET A 125 15.51 -14.65 5.04
CA MET A 125 14.28 -15.28 5.53
C MET A 125 14.53 -16.61 6.22
N PRO A 126 14.01 -16.85 7.44
CA PRO A 126 13.27 -15.89 8.29
C PRO A 126 14.11 -15.17 9.29
N ASP A 127 15.30 -15.70 9.65
CA ASP A 127 15.92 -15.29 10.90
C ASP A 127 16.53 -13.93 10.85
N VAL A 128 17.06 -13.44 9.76
CA VAL A 128 17.66 -12.11 9.73
C VAL A 128 16.54 -11.09 9.92
N ILE A 129 15.38 -11.29 9.28
CA ILE A 129 14.26 -10.42 9.54
C ILE A 129 13.89 -10.41 11.01
N SER A 130 13.79 -11.59 11.61
CA SER A 130 13.42 -11.60 13.02
C SER A 130 14.39 -10.79 13.87
N ASP A 131 15.67 -10.92 13.61
CA ASP A 131 16.64 -10.17 14.40
C ASP A 131 16.44 -8.65 14.19
N ILE A 132 16.24 -8.21 12.94
CA ILE A 132 16.01 -6.79 12.67
C ILE A 132 14.75 -6.28 13.33
N VAL A 133 13.68 -7.01 13.25
CA VAL A 133 12.44 -6.65 13.86
C VAL A 133 12.62 -6.46 15.37
N LYS A 134 13.30 -7.40 16.00
CA LYS A 134 13.50 -7.29 17.45
C LYS A 134 14.23 -6.00 17.78
N GLU A 135 15.23 -5.63 17.00
CA GLU A 135 16.02 -4.44 17.30
C GLU A 135 15.23 -3.18 17.08
N ILE A 136 14.40 -3.16 16.06
CA ILE A 136 13.59 -1.95 15.83
C ILE A 136 12.51 -1.83 16.86
N LYS A 137 11.91 -2.93 17.26
CA LYS A 137 10.87 -2.88 18.28
C LYS A 137 11.37 -2.28 19.60
N LYS A 138 12.65 -2.39 19.89
CA LYS A 138 13.19 -1.75 21.10
C LYS A 138 13.02 -0.26 21.08
N MET A 139 12.84 0.35 19.90
N MET A 139 12.80 0.35 19.91
CA MET A 139 12.74 1.77 19.67
CA MET A 139 12.63 1.78 19.83
C MET A 139 11.32 2.26 20.01
C MET A 139 11.26 2.28 20.06
N GLY A 140 10.37 1.38 20.38
CA GLY A 140 9.06 1.81 20.78
C GLY A 140 8.13 2.32 19.70
N VAL A 141 8.24 1.73 18.54
CA VAL A 141 7.45 2.03 17.36
C VAL A 141 6.80 0.78 16.84
N ALA A 142 5.81 0.99 15.97
CA ALA A 142 5.22 -0.11 15.23
C ALA A 142 6.16 -0.57 14.10
N VAL A 143 6.13 -1.86 13.84
CA VAL A 143 6.86 -2.43 12.72
C VAL A 143 5.87 -3.12 11.77
N THR A 144 5.94 -2.75 10.51
CA THR A 144 5.15 -3.36 9.44
C THR A 144 6.08 -4.01 8.46
N LEU A 145 5.76 -5.24 8.09
CA LEU A 145 6.53 -6.00 7.09
C LEU A 145 5.76 -6.07 5.78
N SER A 146 6.50 -5.98 4.67
CA SER A 146 5.94 -6.10 3.28
C SER A 146 6.95 -6.94 2.51
N LEU A 147 7.01 -8.25 2.75
CA LEU A 147 8.06 -9.12 2.27
C LEU A 147 7.54 -10.16 1.26
N GLY A 148 6.24 -10.16 0.96
CA GLY A 148 5.70 -11.15 0.02
C GLY A 148 5.16 -12.40 0.69
N GLU A 149 5.11 -13.44 -0.15
CA GLU A 149 4.53 -14.75 0.25
C GLU A 149 5.61 -15.68 0.79
N TRP A 150 5.37 -16.13 2.01
CA TRP A 150 6.29 -17.03 2.69
C TRP A 150 5.50 -18.04 3.47
N PRO A 151 6.17 -19.11 3.96
CA PRO A 151 5.46 -20.09 4.78
C PRO A 151 4.89 -19.54 6.03
N ARG A 152 3.82 -20.18 6.55
CA ARG A 152 3.26 -19.83 7.80
CA ARG A 152 3.25 -19.78 7.80
C ARG A 152 4.28 -19.70 8.92
N GLU A 153 5.25 -20.61 8.94
CA GLU A 153 6.25 -20.62 9.97
C GLU A 153 7.02 -19.32 10.01
N TYR A 154 7.28 -18.75 8.82
CA TYR A 154 8.05 -17.50 8.76
C TYR A 154 7.22 -16.36 9.37
N TYR A 155 5.93 -16.31 8.93
CA TYR A 155 5.01 -15.31 9.47
C TYR A 155 4.86 -15.42 10.98
N GLU A 156 4.78 -16.66 11.43
N GLU A 156 4.85 -16.63 11.50
CA GLU A 156 4.78 -16.87 12.93
CA GLU A 156 4.77 -16.82 12.92
C GLU A 156 6.05 -16.38 13.76
C GLU A 156 6.02 -16.34 13.64
N LYS A 157 7.17 -16.71 13.13
CA LYS A 157 8.44 -16.26 13.71
C LYS A 157 8.48 -14.73 13.77
N TRP A 158 8.04 -14.06 12.68
CA TRP A 158 8.09 -12.59 12.65
C TRP A 158 7.12 -11.95 13.60
N LYS A 159 5.97 -12.57 13.82
CA LYS A 159 5.01 -12.12 14.80
C LYS A 159 5.57 -12.29 16.24
N GLU A 160 6.21 -13.42 16.49
CA GLU A 160 6.85 -13.63 17.81
C GLU A 160 7.97 -12.60 18.01
N ALA A 161 8.70 -12.21 16.94
CA ALA A 161 9.77 -11.27 17.03
C ALA A 161 9.28 -9.85 17.33
N GLY A 162 8.00 -9.61 17.13
CA GLY A 162 7.34 -8.36 17.47
C GLY A 162 6.69 -7.59 16.33
N ALA A 163 6.70 -8.12 15.11
CA ALA A 163 6.07 -7.37 14.02
C ALA A 163 4.60 -7.12 14.33
N ASP A 164 4.11 -5.95 14.00
CA ASP A 164 2.74 -5.54 14.24
C ASP A 164 1.80 -5.73 13.10
N ARG A 165 2.29 -5.45 11.87
CA ARG A 165 1.43 -5.38 10.70
C ARG A 165 2.14 -6.01 9.55
N TYR A 166 1.34 -6.39 8.52
CA TYR A 166 1.89 -6.96 7.30
C TYR A 166 1.06 -6.45 6.14
N LEU A 167 1.76 -5.95 5.12
CA LEU A 167 1.17 -5.50 3.85
C LEU A 167 1.38 -6.56 2.79
N LEU A 168 0.26 -7.02 2.22
CA LEU A 168 0.33 -7.99 1.14
C LEU A 168 -0.84 -7.71 0.20
N ARG A 169 -0.64 -6.85 -0.74
CA ARG A 169 -1.73 -6.49 -1.62
C ARG A 169 -2.21 -7.72 -2.30
N HIS A 170 -3.52 -7.79 -2.47
CA HIS A 170 -4.02 -8.96 -3.20
C HIS A 170 -3.83 -8.82 -4.71
N GLU A 171 -3.54 -7.60 -5.22
CA GLU A 171 -3.15 -7.27 -6.57
C GLU A 171 -4.33 -7.22 -7.57
N THR A 172 -5.02 -8.39 -7.64
CA THR A 172 -6.27 -8.54 -8.42
C THR A 172 -7.01 -9.70 -7.84
N ALA A 173 -8.30 -9.54 -7.64
CA ALA A 173 -9.15 -10.61 -7.12
C ALA A 173 -9.69 -11.52 -8.24
N ASN A 174 -9.29 -11.28 -9.45
CA ASN A 174 -9.67 -12.16 -10.61
C ASN A 174 -8.59 -13.27 -10.64
N PRO A 175 -8.96 -14.54 -10.29
CA PRO A 175 -7.90 -15.55 -10.20
C PRO A 175 -7.21 -15.84 -11.51
N VAL A 176 -7.94 -15.67 -12.62
CA VAL A 176 -7.37 -15.95 -13.89
C VAL A 176 -6.31 -14.90 -14.25
N LEU A 177 -6.69 -13.63 -14.11
CA LEU A 177 -5.76 -12.55 -14.36
C LEU A 177 -4.56 -12.60 -13.37
N HIS A 178 -4.87 -12.97 -12.13
CA HIS A 178 -3.80 -13.05 -11.08
C HIS A 178 -2.74 -14.04 -11.53
N ARG A 179 -3.14 -15.24 -11.96
CA ARG A 179 -2.18 -16.25 -12.36
C ARG A 179 -1.39 -15.87 -13.57
N LYS A 180 -2.01 -15.20 -14.51
CA LYS A 180 -1.29 -14.71 -15.65
C LYS A 180 -0.25 -13.66 -15.37
N LEU A 181 -0.57 -12.74 -14.48
CA LEU A 181 0.35 -11.67 -14.14
C LEU A 181 1.39 -12.11 -13.09
N ARG A 182 1.13 -13.13 -12.32
CA ARG A 182 2.01 -13.58 -11.25
C ARG A 182 2.18 -15.09 -11.43
N PRO A 183 3.03 -15.46 -12.38
CA PRO A 183 3.08 -16.86 -12.87
C PRO A 183 3.74 -17.82 -11.92
N ASP A 184 4.32 -17.33 -10.82
CA ASP A 184 4.90 -18.18 -9.81
C ASP A 184 3.89 -18.68 -8.78
N THR A 185 2.68 -18.08 -8.77
CA THR A 185 1.78 -18.25 -7.68
C THR A 185 0.31 -18.10 -8.11
N SER A 186 -0.56 -17.81 -7.19
CA SER A 186 -2.02 -17.81 -7.48
C SER A 186 -2.73 -16.90 -6.54
N PHE A 187 -3.95 -16.50 -6.90
CA PHE A 187 -4.81 -15.79 -6.01
C PHE A 187 -5.12 -16.62 -4.78
N GLU A 188 -5.34 -17.95 -4.96
CA GLU A 188 -5.60 -18.77 -3.81
C GLU A 188 -4.44 -18.73 -2.78
N ASN A 189 -3.21 -18.77 -3.28
N ASN A 189 -3.20 -18.80 -3.30
CA ASN A 189 -2.12 -18.66 -2.31
CA ASN A 189 -2.00 -18.68 -2.44
C ASN A 189 -2.03 -17.28 -1.67
C ASN A 189 -2.00 -17.30 -1.70
N ARG A 190 -2.27 -16.26 -2.47
CA ARG A 190 -2.24 -14.89 -1.91
C ARG A 190 -3.25 -14.72 -0.82
N LEU A 191 -4.47 -15.24 -1.08
CA LEU A 191 -5.52 -15.18 -0.06
C LEU A 191 -5.19 -16.03 1.15
N ASN A 192 -4.61 -17.22 0.92
N ASN A 192 -4.62 -17.19 0.99
CA ASN A 192 -4.21 -18.02 2.07
CA ASN A 192 -4.25 -17.97 2.12
C ASN A 192 -3.19 -17.32 2.97
C ASN A 192 -3.20 -17.28 2.99
N CYS A 193 -2.24 -16.67 2.34
CA CYS A 193 -1.30 -15.85 3.09
C CYS A 193 -1.99 -14.72 3.90
N LEU A 194 -2.92 -13.99 3.26
CA LEU A 194 -3.64 -12.94 3.96
C LEU A 194 -4.46 -13.46 5.14
N LEU A 195 -5.10 -14.64 4.95
CA LEU A 195 -5.88 -15.26 6.03
C LEU A 195 -4.98 -15.73 7.15
N THR A 196 -3.80 -16.29 6.82
CA THR A 196 -2.82 -16.70 7.84
C THR A 196 -2.37 -15.52 8.66
N LEU A 197 -2.05 -14.41 7.95
CA LEU A 197 -1.57 -13.21 8.67
C LEU A 197 -2.61 -12.70 9.64
N LYS A 198 -3.88 -12.65 9.18
N LYS A 198 -3.86 -12.70 9.22
CA LYS A 198 -5.03 -12.24 10.05
CA LYS A 198 -4.91 -12.28 10.11
C LYS A 198 -5.12 -13.18 11.29
C LYS A 198 -5.05 -13.20 11.32
N GLU A 199 -5.03 -14.48 11.04
CA GLU A 199 -5.10 -15.49 12.14
C GLU A 199 -4.01 -15.33 13.17
N LEU A 200 -2.80 -14.96 12.71
CA LEU A 200 -1.68 -14.79 13.59
C LEU A 200 -1.73 -13.48 14.37
N GLY A 201 -2.69 -12.62 14.09
CA GLY A 201 -2.91 -11.42 14.83
C GLY A 201 -2.24 -10.18 14.25
N TYR A 202 -1.71 -10.26 13.02
CA TYR A 202 -1.23 -9.04 12.35
C TYR A 202 -2.37 -8.12 12.02
N GLU A 203 -2.16 -6.81 12.12
N GLU A 203 -2.16 -6.78 12.12
CA GLU A 203 -2.97 -5.90 11.33
CA GLU A 203 -2.97 -5.83 11.36
C GLU A 203 -2.55 -6.13 9.86
C GLU A 203 -2.57 -6.03 9.90
N THR A 204 -3.53 -6.42 9.01
N THR A 204 -3.54 -6.39 9.07
CA THR A 204 -3.27 -6.96 7.69
CA THR A 204 -3.21 -6.87 7.75
C THR A 204 -3.74 -6.00 6.65
C THR A 204 -3.74 -5.98 6.63
N GLY A 205 -2.87 -5.71 5.67
CA GLY A 205 -3.20 -4.87 4.57
C GLY A 205 -3.28 -5.62 3.24
N ALA A 206 -4.31 -5.30 2.49
CA ALA A 206 -4.47 -5.83 1.12
C ALA A 206 -4.56 -4.68 0.13
N GLY A 207 -5.20 -4.81 -0.98
CA GLY A 207 -5.25 -3.79 -1.97
C GLY A 207 -4.81 -4.24 -3.34
N SER A 208 -4.90 -3.38 -4.32
CA SER A 208 -4.83 -3.79 -5.71
C SER A 208 -4.35 -2.72 -6.56
N MET A 209 -3.97 -3.09 -7.79
CA MET A 209 -3.62 -2.10 -8.84
C MET A 209 -4.86 -1.89 -9.72
N VAL A 210 -4.91 -0.69 -10.25
CA VAL A 210 -6.01 -0.27 -11.12
C VAL A 210 -5.47 -0.01 -12.51
N GLY A 211 -6.12 -0.57 -13.52
CA GLY A 211 -5.69 -0.39 -14.90
C GLY A 211 -4.69 -1.42 -15.41
N LEU A 212 -4.63 -2.57 -14.74
CA LEU A 212 -3.79 -3.69 -15.23
C LEU A 212 -4.31 -4.07 -16.63
N PRO A 213 -3.40 -4.52 -17.49
CA PRO A 213 -3.86 -5.03 -18.82
C PRO A 213 -4.80 -6.22 -18.62
N GLY A 214 -5.94 -6.11 -19.30
CA GLY A 214 -6.95 -7.13 -19.22
C GLY A 214 -7.93 -7.03 -18.09
N GLN A 215 -7.74 -6.04 -17.17
CA GLN A 215 -8.62 -5.89 -16.03
C GLN A 215 -9.83 -5.05 -16.43
N THR A 216 -11.00 -5.45 -16.01
CA THR A 216 -12.24 -4.81 -16.38
C THR A 216 -12.83 -4.02 -15.21
N ILE A 217 -13.85 -3.23 -15.49
CA ILE A 217 -14.59 -2.59 -14.42
C ILE A 217 -15.20 -3.61 -13.51
N ASP A 218 -15.76 -4.74 -14.01
CA ASP A 218 -16.31 -5.73 -13.11
C ASP A 218 -15.21 -6.33 -12.20
N ASP A 219 -14.01 -6.43 -12.72
CA ASP A 219 -12.88 -6.86 -11.87
C ASP A 219 -12.63 -5.87 -10.69
N LEU A 220 -12.73 -4.58 -11.00
CA LEU A 220 -12.58 -3.55 -9.95
C LEU A 220 -13.65 -3.70 -8.90
N VAL A 221 -14.91 -3.95 -9.32
CA VAL A 221 -15.98 -4.18 -8.39
C VAL A 221 -15.65 -5.36 -7.50
N ASP A 222 -15.17 -6.47 -8.09
CA ASP A 222 -14.81 -7.61 -7.33
C ASP A 222 -13.70 -7.32 -6.31
N ASP A 223 -12.76 -6.43 -6.70
CA ASP A 223 -11.71 -5.97 -5.72
C ASP A 223 -12.35 -5.31 -4.54
N LEU A 224 -13.30 -4.40 -4.79
CA LEU A 224 -13.99 -3.71 -3.68
C LEU A 224 -14.75 -4.70 -2.79
N LEU A 225 -15.46 -5.66 -3.43
CA LEU A 225 -16.24 -6.61 -2.62
C LEU A 225 -15.35 -7.55 -1.81
N PHE A 226 -14.20 -7.92 -2.39
CA PHE A 226 -13.17 -8.72 -1.71
C PHE A 226 -12.66 -8.01 -0.46
N LEU A 227 -12.34 -6.72 -0.63
CA LEU A 227 -11.88 -5.91 0.50
C LEU A 227 -12.92 -5.81 1.58
N LYS A 228 -14.17 -5.54 1.18
CA LYS A 228 -15.23 -5.42 2.16
C LYS A 228 -15.47 -6.77 2.87
N GLU A 229 -15.43 -7.89 2.15
CA GLU A 229 -15.67 -9.20 2.73
C GLU A 229 -14.71 -9.50 3.85
N HIS A 230 -13.41 -9.20 3.63
CA HIS A 230 -12.36 -9.57 4.61
C HIS A 230 -12.01 -8.49 5.60
N ASP A 231 -12.61 -7.34 5.48
CA ASP A 231 -12.49 -6.32 6.50
C ASP A 231 -11.01 -5.98 6.82
N PHE A 232 -10.24 -5.73 5.81
CA PHE A 232 -8.80 -5.51 6.04
C PHE A 232 -8.58 -4.24 6.85
N ASP A 233 -7.49 -4.27 7.62
CA ASP A 233 -7.08 -3.11 8.41
C ASP A 233 -6.55 -1.97 7.57
N MET A 234 -5.82 -2.34 6.51
N MET A 234 -5.84 -2.34 6.51
CA MET A 234 -5.21 -1.37 5.59
CA MET A 234 -5.27 -1.39 5.58
C MET A 234 -5.52 -1.79 4.19
C MET A 234 -5.56 -1.80 4.16
N VAL A 235 -5.68 -0.79 3.30
CA VAL A 235 -5.92 -1.09 1.88
C VAL A 235 -5.04 -0.16 1.05
N GLY A 236 -4.09 -0.71 0.31
CA GLY A 236 -3.19 0.03 -0.56
C GLY A 236 -3.59 -0.13 -2.01
N ILE A 237 -3.91 1.04 -2.63
CA ILE A 237 -4.39 1.07 -4.01
C ILE A 237 -3.58 2.05 -4.80
N GLY A 238 -3.15 1.67 -5.99
CA GLY A 238 -2.52 2.58 -6.90
C GLY A 238 -2.78 2.17 -8.34
N PRO A 239 -2.42 3.07 -9.25
CA PRO A 239 -2.53 2.73 -10.67
C PRO A 239 -1.40 1.86 -11.10
N PHE A 240 -1.67 0.98 -12.09
CA PHE A 240 -0.60 0.30 -12.80
C PHE A 240 0.22 1.26 -13.61
N ILE A 241 1.54 1.21 -13.50
CA ILE A 241 2.42 2.09 -14.23
C ILE A 241 3.40 1.16 -15.00
N PRO A 242 3.35 1.14 -16.36
CA PRO A 242 4.22 0.21 -17.08
CA PRO A 242 4.23 0.24 -17.11
C PRO A 242 5.68 0.51 -16.89
N HIS A 243 6.45 -0.57 -16.76
CA HIS A 243 7.87 -0.48 -16.57
C HIS A 243 8.56 -1.02 -17.86
N PRO A 244 9.53 -0.24 -18.36
CA PRO A 244 10.14 -0.56 -19.68
C PRO A 244 10.93 -1.85 -19.73
N ASP A 245 11.38 -2.37 -18.59
CA ASP A 245 12.12 -3.62 -18.55
C ASP A 245 11.26 -4.81 -18.13
N THR A 246 9.94 -4.79 -18.50
CA THR A 246 9.02 -5.86 -18.23
C THR A 246 8.21 -6.22 -19.47
N PRO A 247 7.52 -7.31 -19.41
CA PRO A 247 6.67 -7.69 -20.54
C PRO A 247 5.51 -6.76 -20.81
N LEU A 248 5.16 -5.94 -19.81
CA LEU A 248 4.01 -5.01 -19.92
C LEU A 248 4.45 -3.63 -20.29
N ALA A 249 5.67 -3.45 -20.76
CA ALA A 249 6.26 -2.16 -21.08
C ALA A 249 5.36 -1.28 -21.98
N ASN A 250 4.67 -1.92 -22.90
CA ASN A 250 3.88 -1.17 -23.92
C ASN A 250 2.44 -1.07 -23.64
N GLU A 251 2.02 -1.46 -22.43
CA GLU A 251 0.62 -1.39 -22.05
C GLU A 251 0.28 0.02 -21.51
N LYS A 252 -1.00 0.29 -21.41
CA LYS A 252 -1.46 1.59 -20.95
C LYS A 252 -1.35 1.75 -19.43
N LYS A 253 -0.97 2.94 -18.96
N LYS A 253 -0.98 2.93 -18.97
CA LYS A 253 -1.02 3.31 -17.55
CA LYS A 253 -1.00 3.15 -17.52
C LYS A 253 -2.44 3.20 -17.06
C LYS A 253 -2.45 3.24 -17.05
N GLY A 254 -2.63 2.94 -15.79
CA GLY A 254 -3.91 3.10 -15.15
C GLY A 254 -4.33 4.57 -15.06
N ASP A 255 -5.63 4.75 -15.08
CA ASP A 255 -6.23 6.09 -15.03
C ASP A 255 -6.26 6.62 -13.62
N PHE A 256 -5.73 7.84 -13.43
CA PHE A 256 -5.74 8.39 -12.05
C PHE A 256 -7.12 8.55 -11.47
N THR A 257 -8.06 9.12 -12.21
CA THR A 257 -9.38 9.38 -11.68
C THR A 257 -10.08 8.12 -11.29
N LEU A 258 -9.99 7.05 -12.13
CA LEU A 258 -10.60 5.81 -11.79
C LEU A 258 -9.99 5.21 -10.50
N THR A 259 -8.65 5.33 -10.40
CA THR A 259 -7.94 4.83 -9.20
C THR A 259 -8.43 5.60 -7.97
N LEU A 260 -8.56 6.92 -8.12
CA LEU A 260 -9.06 7.76 -7.02
C LEU A 260 -10.46 7.37 -6.58
N LYS A 261 -11.32 7.01 -7.58
CA LYS A 261 -12.61 6.51 -7.24
C LYS A 261 -12.57 5.19 -6.45
N MET A 262 -11.61 4.33 -6.78
CA MET A 262 -11.42 3.13 -6.00
C MET A 262 -11.02 3.43 -4.56
N VAL A 263 -10.13 4.42 -4.36
CA VAL A 263 -9.80 4.83 -2.98
C VAL A 263 -11.00 5.35 -2.28
N ALA A 264 -11.79 6.23 -2.93
CA ALA A 264 -12.95 6.81 -2.30
C ALA A 264 -13.97 5.73 -1.93
N LEU A 265 -14.24 4.81 -2.84
CA LEU A 265 -15.16 3.74 -2.52
C LEU A 265 -14.69 2.83 -1.45
N THR A 266 -13.35 2.60 -1.37
CA THR A 266 -12.78 1.79 -0.27
C THR A 266 -13.05 2.45 1.07
N ARG A 267 -12.86 3.78 1.15
CA ARG A 267 -13.15 4.47 2.41
C ARG A 267 -14.64 4.37 2.75
N ILE A 268 -15.52 4.52 1.74
CA ILE A 268 -16.96 4.42 2.01
C ILE A 268 -17.30 3.02 2.52
N LEU A 269 -16.69 1.98 1.94
CA LEU A 269 -16.97 0.63 2.33
C LEU A 269 -16.37 0.21 3.63
N LEU A 270 -15.19 0.73 3.95
CA LEU A 270 -14.39 0.37 5.12
C LEU A 270 -14.05 1.65 5.87
N PRO A 271 -15.04 2.27 6.54
N PRO A 271 -15.10 2.32 6.46
CA PRO A 271 -14.85 3.63 6.99
CA PRO A 271 -14.88 3.68 6.90
C PRO A 271 -13.82 3.82 8.05
C PRO A 271 -13.84 3.86 7.97
N ASP A 272 -13.51 2.79 8.82
CA ASP A 272 -12.50 2.89 9.86
C ASP A 272 -11.19 2.28 9.49
N SER A 273 -10.92 2.03 8.21
CA SER A 273 -9.67 1.44 7.79
C SER A 273 -8.57 2.50 7.64
N ASN A 274 -7.33 2.02 7.54
CA ASN A 274 -6.18 2.86 7.22
C ASN A 274 -5.86 2.72 5.74
N ILE A 275 -5.86 3.85 5.01
CA ILE A 275 -5.78 3.84 3.57
C ILE A 275 -4.69 4.84 3.15
N PRO A 276 -3.57 4.41 2.56
CA PRO A 276 -2.53 5.36 2.16
C PRO A 276 -2.84 6.11 0.85
N ALA A 277 -2.28 7.27 0.71
CA ALA A 277 -2.13 7.99 -0.52
C ALA A 277 -0.79 7.56 -1.06
N THR A 278 -0.83 6.64 -2.01
CA THR A 278 0.37 5.93 -2.41
C THR A 278 1.30 6.76 -3.30
N THR A 279 2.59 6.38 -3.29
CA THR A 279 3.56 7.04 -4.09
C THR A 279 3.23 6.90 -5.59
N ALA A 280 2.63 5.79 -5.99
CA ALA A 280 2.19 5.63 -7.39
C ALA A 280 1.18 6.72 -7.82
N MET A 281 0.29 7.09 -6.91
CA MET A 281 -0.67 8.17 -7.20
C MET A 281 0.06 9.50 -7.45
N GLY A 282 1.11 9.76 -6.70
CA GLY A 282 1.89 10.95 -6.92
C GLY A 282 2.88 10.89 -8.07
N THR A 283 3.10 9.72 -8.62
CA THR A 283 3.93 9.54 -9.82
C THR A 283 3.13 9.81 -11.07
N ILE A 284 1.92 9.31 -11.17
N ILE A 284 1.94 9.33 -11.16
CA ILE A 284 1.24 9.54 -12.39
CA ILE A 284 1.21 9.50 -12.34
C ILE A 284 0.68 10.95 -12.55
C ILE A 284 0.66 10.91 -12.52
N VAL A 285 0.36 11.64 -11.45
CA VAL A 285 -0.17 12.98 -11.50
C VAL A 285 0.61 13.81 -10.51
N PRO A 286 1.17 14.96 -10.87
CA PRO A 286 1.83 15.80 -9.88
C PRO A 286 0.81 16.25 -8.82
N GLY A 287 1.15 16.07 -7.56
CA GLY A 287 0.21 16.35 -6.50
C GLY A 287 -0.81 15.28 -6.27
N GLY A 288 -0.62 14.08 -6.83
CA GLY A 288 -1.61 13.04 -6.69
C GLY A 288 -1.76 12.49 -5.27
N ARG A 289 -0.70 12.49 -4.44
CA ARG A 289 -0.93 12.02 -3.06
C ARG A 289 -1.81 12.97 -2.32
N GLU A 290 -1.59 14.28 -2.47
CA GLU A 290 -2.38 15.28 -1.78
C GLU A 290 -3.84 15.18 -2.17
N ILE A 291 -4.11 15.01 -3.46
CA ILE A 291 -5.50 14.80 -3.88
C ILE A 291 -6.08 13.57 -3.14
N THR A 292 -5.32 12.47 -3.13
CA THR A 292 -5.82 11.22 -2.56
C THR A 292 -6.11 11.36 -1.08
N LEU A 293 -5.27 12.08 -0.34
CA LEU A 293 -5.54 12.36 1.08
C LEU A 293 -6.79 13.16 1.28
N ARG A 294 -7.34 13.83 0.25
CA ARG A 294 -8.58 14.56 0.33
C ARG A 294 -9.76 13.84 -0.25
N CYS A 295 -9.57 12.56 -0.63
CA CYS A 295 -10.62 11.75 -1.21
C CYS A 295 -10.75 10.40 -0.53
N GLY A 296 -10.32 10.34 0.76
CA GLY A 296 -10.51 9.17 1.56
C GLY A 296 -9.30 8.63 2.24
N ALA A 297 -8.12 8.96 1.79
CA ALA A 297 -6.91 8.41 2.42
C ALA A 297 -6.53 9.16 3.70
N ASN A 298 -5.82 8.46 4.57
CA ASN A 298 -5.41 8.98 5.86
C ASN A 298 -4.00 8.56 6.29
N VAL A 299 -3.24 8.00 5.38
CA VAL A 299 -1.86 7.52 5.65
C VAL A 299 -0.97 7.98 4.52
N ILE A 300 0.29 8.17 4.85
CA ILE A 300 1.30 8.49 3.86
C ILE A 300 2.58 7.72 4.20
N MET A 301 3.31 7.27 3.19
N MET A 301 3.32 7.29 3.19
CA MET A 301 4.49 6.43 3.38
CA MET A 301 4.49 6.43 3.39
C MET A 301 5.73 7.08 2.75
C MET A 301 5.73 7.09 2.73
N PRO A 302 6.33 8.04 3.42
CA PRO A 302 7.56 8.66 2.86
C PRO A 302 8.65 7.61 2.68
N ASN A 303 9.35 7.71 1.59
CA ASN A 303 10.43 6.82 1.32
C ASN A 303 11.66 7.13 2.14
N TRP A 304 12.15 6.14 2.86
CA TRP A 304 13.29 6.30 3.75
C TRP A 304 14.43 5.39 3.34
N THR A 305 14.43 4.88 2.11
CA THR A 305 15.53 4.05 1.60
C THR A 305 16.74 4.97 1.38
N PRO A 306 17.91 4.58 1.92
CA PRO A 306 19.07 5.46 1.71
C PRO A 306 19.60 5.42 0.32
N SER A 307 20.25 6.53 -0.12
N SER A 307 20.26 6.52 -0.09
CA SER A 307 21.16 6.42 -1.29
CA SER A 307 21.16 6.42 -1.24
C SER A 307 22.36 5.54 -0.87
C SER A 307 22.38 5.54 -0.84
N PRO A 308 22.95 4.77 -1.79
CA PRO A 308 22.73 4.74 -3.20
C PRO A 308 21.70 3.78 -3.67
N TYR A 309 20.96 3.17 -2.72
CA TYR A 309 20.03 2.10 -3.05
C TYR A 309 18.70 2.55 -3.52
N ARG A 310 18.23 3.69 -3.06
N ARG A 310 18.21 3.69 -3.09
CA ARG A 310 16.89 4.20 -3.33
CA ARG A 310 16.87 4.16 -3.36
C ARG A 310 16.58 4.21 -4.81
C ARG A 310 16.56 4.22 -4.83
N GLN A 311 17.53 4.67 -5.60
CA GLN A 311 17.27 4.75 -7.02
C GLN A 311 17.20 3.41 -7.72
N LEU A 312 17.53 2.33 -7.05
CA LEU A 312 17.50 0.99 -7.61
C LEU A 312 16.24 0.19 -7.30
N TYR A 313 15.33 0.78 -6.56
CA TYR A 313 14.11 0.13 -6.19
C TYR A 313 12.98 0.84 -6.91
N GLN A 314 12.84 0.48 -8.17
CA GLN A 314 11.79 1.09 -8.96
C GLN A 314 10.92 0.02 -9.55
N LEU A 315 9.84 -0.28 -8.86
CA LEU A 315 8.83 -1.23 -9.30
C LEU A 315 8.21 -0.70 -10.59
N TYR A 316 8.12 0.62 -10.68
CA TYR A 316 7.62 1.33 -11.80
C TYR A 316 8.53 2.54 -11.97
N PRO A 317 8.60 3.03 -13.21
CA PRO A 317 9.46 4.18 -13.44
C PRO A 317 8.92 5.55 -13.05
N GLY A 318 9.80 6.51 -12.88
CA GLY A 318 9.36 7.86 -12.58
C GLY A 318 9.14 8.14 -11.14
N LYS A 319 9.42 7.17 -10.30
CA LYS A 319 9.13 7.30 -8.91
C LYS A 319 9.70 8.57 -8.32
N ILE A 320 8.76 9.30 -7.76
N ILE A 320 8.81 9.29 -7.69
CA ILE A 320 9.07 10.61 -7.26
CA ILE A 320 9.15 10.65 -7.32
C ILE A 320 10.08 10.79 -6.15
C ILE A 320 10.12 10.80 -6.14
N SER A 321 10.29 9.94 -5.56
CA SER A 321 11.20 10.22 -4.47
C SER A 321 12.71 9.96 -4.68
N VAL A 322 13.06 9.39 -5.85
CA VAL A 322 14.38 8.98 -6.23
C VAL A 322 15.48 10.00 -6.21
N PHE A 323 15.19 11.26 -6.48
CA PHE A 323 16.23 12.26 -6.54
C PHE A 323 16.52 13.13 -5.36
N GLU A 324 15.76 13.05 -4.30
CA GLU A 324 16.00 13.96 -3.17
C GLU A 324 16.96 13.42 -2.10
N LYS A 325 17.47 14.30 -1.25
CA LYS A 325 18.34 13.94 -0.12
C LYS A 325 17.57 12.90 0.60
N ASP A 326 18.24 11.89 1.09
CA ASP A 326 17.48 10.79 1.63
C ASP A 326 16.81 11.04 2.97
N THR A 327 16.95 12.23 3.55
CA THR A 327 16.28 12.56 4.75
C THR A 327 15.13 13.59 4.46
N ALA A 328 14.94 13.89 3.22
CA ALA A 328 13.95 14.90 2.85
C ALA A 328 12.48 14.49 3.00
N SER A 329 12.16 13.23 2.82
CA SER A 329 10.78 12.79 2.76
C SER A 329 9.93 12.97 3.99
N ILE A 330 10.47 12.72 5.17
CA ILE A 330 9.67 12.88 6.38
C ILE A 330 9.34 14.35 6.57
N PRO A 331 10.34 15.29 6.53
CA PRO A 331 9.97 16.69 6.61
C PRO A 331 9.00 17.12 5.51
N SER A 332 9.20 16.61 4.30
N SER A 332 9.20 16.63 4.29
CA SER A 332 8.31 16.98 3.24
CA SER A 332 8.30 17.02 3.21
C SER A 332 6.85 16.58 3.50
C SER A 332 6.83 16.59 3.47
N VAL A 333 6.62 15.38 4.01
CA VAL A 333 5.27 14.96 4.33
C VAL A 333 4.71 15.68 5.52
N MET A 334 5.53 16.11 6.45
CA MET A 334 5.01 16.89 7.54
CA MET A 334 5.11 16.96 7.59
C MET A 334 4.53 18.26 7.04
N LYS A 335 5.25 18.87 6.13
CA LYS A 335 4.79 20.09 5.49
C LYS A 335 3.49 19.81 4.75
N MET A 336 3.45 18.73 3.97
CA MET A 336 2.24 18.38 3.25
C MET A 336 1.02 18.31 4.16
N ILE A 337 1.17 17.60 5.25
CA ILE A 337 0.07 17.42 6.22
C ILE A 337 -0.39 18.80 6.73
N GLU A 338 0.52 19.69 7.05
CA GLU A 338 0.14 21.02 7.50
C GLU A 338 -0.58 21.81 6.42
N LEU A 339 -0.06 21.81 5.19
CA LEU A 339 -0.71 22.65 4.15
C LEU A 339 -2.04 22.08 3.76
N LEU A 340 -2.31 20.79 4.03
CA LEU A 340 -3.61 20.22 3.85
C LEU A 340 -4.57 20.53 4.99
N GLY A 341 -4.12 21.20 6.05
CA GLY A 341 -4.97 21.44 7.17
C GLY A 341 -5.23 20.22 8.02
N ARG A 342 -4.28 19.30 8.03
CA ARG A 342 -4.37 18.05 8.74
C ARG A 342 -3.36 18.02 9.89
N LYS A 343 -3.29 16.95 10.64
CA LYS A 343 -2.40 16.83 11.79
C LYS A 343 -1.59 15.58 11.70
N PRO A 344 -0.28 15.51 12.20
CA PRO A 344 0.43 14.19 12.12
C PRO A 344 -0.17 13.27 13.24
N GLY A 345 -0.08 12.02 12.98
CA GLY A 345 -0.48 11.04 13.94
C GLY A 345 0.28 11.17 15.23
N ARG A 346 -0.43 10.94 16.31
CA ARG A 346 0.14 11.08 17.68
C ARG A 346 0.62 9.74 18.30
N ASP A 347 0.11 8.66 17.79
CA ASP A 347 0.37 7.32 18.30
C ASP A 347 0.80 6.47 17.13
N TRP A 348 0.76 5.16 17.23
CA TRP A 348 1.26 4.33 16.13
C TRP A 348 0.26 4.29 14.97
N GLY A 349 -0.93 4.90 15.11
CA GLY A 349 -1.88 4.88 14.01
C GLY A 349 -2.40 3.49 13.68
N GLY A 350 -2.59 2.60 14.71
CA GLY A 350 -3.21 1.35 14.48
C GLY A 350 -4.69 1.53 14.15
N ARG A 351 -5.34 0.50 13.65
CA ARG A 351 -6.77 0.61 13.33
C ARG A 351 -7.62 0.83 14.58
N LYS A 352 -8.49 1.79 14.56
CA LYS A 352 -9.39 2.08 15.70
C LYS A 352 -10.81 1.74 15.21
N ARG A 353 -11.23 0.50 15.45
CA ARG A 353 -12.49 0.02 14.93
C ARG A 353 -13.68 0.74 15.55
N VAL A 354 -14.59 1.14 14.69
CA VAL A 354 -15.87 1.69 15.10
C VAL A 354 -16.90 0.61 14.74
N PHE A 355 -17.39 -0.12 15.75
CA PHE A 355 -18.37 -1.18 15.51
C PHE A 355 -19.71 -0.57 15.19
N GLU A 356 -20.32 -1.08 14.15
CA GLU A 356 -21.59 -0.57 13.79
C GLU A 356 -22.61 -1.63 13.45
N THR A 357 -23.54 -1.29 12.58
CA THR A 357 -24.58 -2.19 12.15
C THR A 357 -24.44 -2.34 10.61
#